data_1NDP
#
_entry.id   1NDP
#
_cell.length_a   73.180
_cell.length_b   73.180
_cell.length_c   158.450
_cell.angle_alpha   90.00
_cell.angle_beta   90.00
_cell.angle_gamma   120.00
#
_symmetry.space_group_name_H-M   'H 3'
#
loop_
_entity.id
_entity.type
_entity.pdbx_description
1 polymer 'NUCLEOSIDE DIPHOSPHATE KINASE'
2 non-polymer "ADENOSINE-5'-DIPHOSPHATE"
3 non-polymer 'MAGNESIUM ION'
4 water water
#
_entity_poly.entity_id   1
_entity_poly.type   'polypeptide(L)'
_entity_poly.pdbx_seq_one_letter_code
;MSTNKVNKERTFLAVKPDGVARGLVGEIIARYEKKGFVLVGLKQLVPTKDLAESHYAEHKERPFFGGLVSFITSGPVVAM
VFEGKGVVASARLMIGVTNPLASAPGSIRGDFGVDVGRNIIHGSDSVESANREIALWFKPEELLTEVKPNPNLYE
;
_entity_poly.pdbx_strand_id   A,B
#
loop_
_chem_comp.id
_chem_comp.type
_chem_comp.name
_chem_comp.formula
ADP non-polymer ADENOSINE-5'-DIPHOSPHATE 'C10 H15 N5 O10 P2'
MG non-polymer 'MAGNESIUM ION' 'Mg 2'
#
# COMPACT_ATOMS: atom_id res chain seq x y z
N VAL A 6 -22.37 1.61 6.67
CA VAL A 6 -22.44 2.58 7.76
C VAL A 6 -21.56 1.98 8.88
N ASN A 7 -20.34 2.42 8.72
CA ASN A 7 -19.19 2.08 9.55
C ASN A 7 -18.64 0.83 8.84
N LYS A 8 -19.51 0.09 8.17
CA LYS A 8 -19.08 -1.13 7.44
C LYS A 8 -18.93 -0.95 5.94
N GLU A 9 -19.50 0.11 5.42
CA GLU A 9 -19.44 0.51 4.01
C GLU A 9 -17.98 0.43 3.54
N ARG A 10 -17.86 -0.05 2.30
CA ARG A 10 -16.55 -0.21 1.64
C ARG A 10 -16.57 0.44 0.26
N THR A 11 -15.36 0.85 -0.11
CA THR A 11 -15.14 1.45 -1.43
C THR A 11 -13.92 0.81 -2.09
N PHE A 12 -13.98 0.87 -3.43
CA PHE A 12 -12.90 0.38 -4.25
C PHE A 12 -12.13 1.64 -4.72
N LEU A 13 -10.86 1.70 -4.36
CA LEU A 13 -9.97 2.77 -4.78
C LEU A 13 -8.83 2.19 -5.63
N ALA A 14 -8.46 2.81 -6.74
CA ALA A 14 -7.31 2.24 -7.50
C ALA A 14 -6.32 3.37 -7.79
N VAL A 15 -5.09 3.25 -7.36
CA VAL A 15 -4.06 4.26 -7.72
C VAL A 15 -3.60 3.85 -9.16
N LYS A 16 -3.93 4.63 -10.16
CA LYS A 16 -3.62 4.36 -11.58
C LYS A 16 -2.13 4.35 -11.88
N PRO A 17 -1.75 3.83 -13.04
CA PRO A 17 -0.32 3.72 -13.45
C PRO A 17 0.42 5.05 -13.32
N ASP A 18 -0.27 6.15 -13.61
CA ASP A 18 0.32 7.50 -13.49
C ASP A 18 0.47 7.82 -11.98
N GLY A 19 -0.50 7.48 -11.14
CA GLY A 19 -0.37 7.75 -9.71
C GLY A 19 0.81 6.99 -9.16
N VAL A 20 0.91 5.74 -9.60
CA VAL A 20 2.02 4.87 -9.17
C VAL A 20 3.38 5.35 -9.63
N ALA A 21 3.54 5.74 -10.87
CA ALA A 21 4.84 6.20 -11.39
C ALA A 21 5.28 7.55 -10.82
N ARG A 22 4.32 8.37 -10.42
CA ARG A 22 4.70 9.67 -9.91
C ARG A 22 5.02 9.55 -8.43
N GLY A 23 4.93 8.39 -7.82
CA GLY A 23 5.22 8.14 -6.40
C GLY A 23 4.19 8.79 -5.45
N LEU A 24 2.91 8.70 -5.73
CA LEU A 24 1.82 9.22 -4.94
C LEU A 24 1.04 8.14 -4.17
N VAL A 25 1.60 6.94 -4.09
CA VAL A 25 0.91 5.85 -3.41
C VAL A 25 0.86 6.11 -1.91
N GLY A 26 1.96 6.31 -1.24
CA GLY A 26 1.94 6.54 0.23
C GLY A 26 1.02 7.71 0.57
N GLU A 27 1.30 8.77 -0.18
CA GLU A 27 0.61 10.05 -0.09
C GLU A 27 -0.88 9.75 -0.17
N ILE A 28 -1.31 8.97 -1.16
CA ILE A 28 -2.77 8.72 -1.23
C ILE A 28 -3.29 7.87 -0.08
N ILE A 29 -2.62 6.80 0.26
CA ILE A 29 -3.07 5.92 1.33
C ILE A 29 -3.21 6.74 2.61
N ALA A 30 -2.18 7.50 2.92
CA ALA A 30 -2.13 8.36 4.10
C ALA A 30 -3.36 9.24 4.25
N ARG A 31 -3.86 9.83 3.21
CA ARG A 31 -5.05 10.69 3.22
C ARG A 31 -6.27 9.99 3.80
N TYR A 32 -6.50 8.78 3.32
CA TYR A 32 -7.60 7.87 3.66
C TYR A 32 -7.36 7.33 5.08
N GLU A 33 -6.12 7.06 5.39
CA GLU A 33 -5.71 6.59 6.70
C GLU A 33 -6.06 7.66 7.75
N LYS A 34 -5.74 8.91 7.48
CA LYS A 34 -5.93 10.11 8.27
C LYS A 34 -7.39 10.46 8.53
N LYS A 35 -8.23 10.21 7.59
CA LYS A 35 -9.64 10.38 7.55
C LYS A 35 -10.30 9.43 8.55
N GLY A 36 -9.62 8.31 8.80
CA GLY A 36 -10.16 7.33 9.73
C GLY A 36 -10.72 6.09 9.03
N PHE A 37 -10.57 5.98 7.72
CA PHE A 37 -11.04 4.83 6.95
C PHE A 37 -10.09 3.65 7.15
N VAL A 38 -10.64 2.45 7.17
CA VAL A 38 -9.75 1.29 7.38
C VAL A 38 -9.48 0.52 6.10
N LEU A 39 -8.20 0.16 6.06
CA LEU A 39 -7.71 -0.60 4.89
C LEU A 39 -8.07 -2.08 5.01
N VAL A 40 -9.06 -2.45 4.21
CA VAL A 40 -9.48 -3.87 4.25
C VAL A 40 -8.90 -4.69 3.11
N GLY A 41 -8.37 -4.03 2.10
CA GLY A 41 -7.77 -4.75 0.97
C GLY A 41 -6.68 -3.92 0.30
N LEU A 42 -5.52 -4.51 0.03
CA LEU A 42 -4.46 -3.78 -0.63
C LEU A 42 -3.48 -4.66 -1.39
N LYS A 43 -3.30 -4.31 -2.64
CA LYS A 43 -2.34 -4.98 -3.50
C LYS A 43 -1.94 -4.19 -4.76
N GLN A 44 -0.71 -4.48 -5.18
CA GLN A 44 -0.13 -3.92 -6.40
C GLN A 44 -0.22 -4.97 -7.53
N LEU A 45 -0.75 -4.66 -8.68
CA LEU A 45 -0.88 -5.58 -9.80
C LEU A 45 -0.94 -4.78 -11.09
N VAL A 46 -0.60 -5.48 -12.16
CA VAL A 46 -0.64 -4.88 -13.53
C VAL A 46 -1.97 -5.49 -13.97
N PRO A 47 -2.92 -4.64 -14.22
CA PRO A 47 -4.22 -5.12 -14.63
C PRO A 47 -4.10 -5.74 -16.02
N THR A 48 -5.04 -6.58 -16.26
CA THR A 48 -5.44 -7.44 -17.33
C THR A 48 -6.44 -6.67 -18.17
N LYS A 49 -6.38 -6.90 -19.46
CA LYS A 49 -7.28 -6.25 -20.39
C LYS A 49 -8.73 -6.59 -20.03
N ASP A 50 -8.89 -7.81 -19.57
CA ASP A 50 -10.22 -8.32 -19.18
C ASP A 50 -10.75 -7.61 -17.92
N LEU A 51 -9.90 -7.49 -16.92
CA LEU A 51 -10.24 -6.82 -15.67
C LEU A 51 -10.64 -5.37 -16.00
N ALA A 52 -9.66 -4.79 -16.64
CA ALA A 52 -9.70 -3.42 -17.14
C ALA A 52 -11.00 -3.18 -17.90
N GLU A 53 -11.40 -4.07 -18.77
CA GLU A 53 -12.63 -3.84 -19.51
C GLU A 53 -13.89 -4.00 -18.70
N SER A 54 -13.84 -4.92 -17.76
CA SER A 54 -15.08 -5.16 -16.96
C SER A 54 -15.24 -3.97 -16.03
N HIS A 55 -14.06 -3.66 -15.49
CA HIS A 55 -13.97 -2.54 -14.55
C HIS A 55 -14.55 -1.28 -15.18
N TYR A 56 -14.24 -0.97 -16.42
CA TYR A 56 -14.72 0.21 -17.13
C TYR A 56 -15.86 -0.01 -18.09
N ALA A 57 -16.54 -1.08 -17.84
CA ALA A 57 -17.68 -1.50 -18.65
C ALA A 57 -18.65 -0.38 -18.97
N GLU A 58 -18.93 0.46 -18.01
CA GLU A 58 -19.90 1.53 -18.28
C GLU A 58 -19.53 2.49 -19.40
N HIS A 59 -18.26 2.60 -19.69
CA HIS A 59 -17.72 3.48 -20.71
C HIS A 59 -17.38 2.84 -22.04
N LYS A 60 -17.74 1.60 -22.26
CA LYS A 60 -17.43 0.86 -23.51
C LYS A 60 -17.99 1.54 -24.76
N GLU A 61 -19.07 2.30 -24.63
CA GLU A 61 -19.59 2.97 -25.85
C GLU A 61 -18.97 4.33 -26.06
N ARG A 62 -18.06 4.75 -25.22
CA ARG A 62 -17.40 6.05 -25.28
C ARG A 62 -16.04 6.03 -25.96
N PRO A 63 -15.72 7.13 -26.61
CA PRO A 63 -14.47 7.36 -27.34
C PRO A 63 -13.20 7.11 -26.58
N PHE A 64 -13.15 7.47 -25.31
CA PHE A 64 -11.91 7.27 -24.55
C PHE A 64 -11.79 5.88 -23.95
N PHE A 65 -12.77 5.03 -24.09
CA PHE A 65 -12.80 3.67 -23.54
C PHE A 65 -11.48 2.95 -23.71
N GLY A 66 -11.05 2.89 -24.95
CA GLY A 66 -9.83 2.22 -25.41
C GLY A 66 -8.53 2.63 -24.74
N GLY A 67 -8.41 3.93 -24.62
CA GLY A 67 -7.25 4.63 -24.03
C GLY A 67 -7.22 4.28 -22.53
N LEU A 68 -8.44 4.35 -22.00
CA LEU A 68 -8.69 4.04 -20.62
C LEU A 68 -8.14 2.65 -20.28
N VAL A 69 -8.58 1.68 -21.06
CA VAL A 69 -8.19 0.28 -20.88
C VAL A 69 -6.73 0.08 -21.20
N SER A 70 -6.33 0.71 -22.29
CA SER A 70 -4.92 0.61 -22.71
C SER A 70 -4.05 1.20 -21.58
N PHE A 71 -4.45 2.38 -21.08
CA PHE A 71 -3.68 3.03 -20.01
C PHE A 71 -3.60 2.17 -18.75
N ILE A 72 -4.72 1.83 -18.20
CA ILE A 72 -4.83 1.02 -16.98
C ILE A 72 -3.94 -0.23 -16.96
N THR A 73 -3.90 -0.93 -18.07
CA THR A 73 -3.14 -2.17 -18.28
C THR A 73 -1.68 -1.91 -18.51
N SER A 74 -1.30 -0.67 -18.75
CA SER A 74 0.10 -0.31 -19.05
C SER A 74 1.08 -0.38 -17.90
N GLY A 75 0.66 -0.41 -16.66
CA GLY A 75 1.72 -0.51 -15.60
C GLY A 75 0.98 -0.89 -14.33
N PRO A 76 1.76 -0.94 -13.26
CA PRO A 76 1.28 -1.28 -11.93
C PRO A 76 0.20 -0.31 -11.47
N VAL A 77 -0.74 -0.92 -10.80
CA VAL A 77 -1.88 -0.25 -10.20
C VAL A 77 -1.82 -0.66 -8.71
N VAL A 78 -2.29 0.18 -7.80
CA VAL A 78 -2.31 -0.24 -6.37
C VAL A 78 -3.83 -0.12 -6.11
N ALA A 79 -4.37 -1.31 -5.90
CA ALA A 79 -5.80 -1.50 -5.65
C ALA A 79 -5.99 -1.63 -4.14
N MET A 80 -7.07 -1.01 -3.67
CA MET A 80 -7.34 -1.05 -2.26
C MET A 80 -8.82 -0.80 -2.01
N VAL A 81 -9.20 -1.33 -0.85
CA VAL A 81 -10.63 -1.16 -0.41
C VAL A 81 -10.49 -0.65 1.03
N PHE A 82 -11.27 0.41 1.24
CA PHE A 82 -11.29 1.08 2.55
C PHE A 82 -12.71 0.90 3.05
N GLU A 83 -12.79 0.76 4.34
CA GLU A 83 -14.09 0.60 5.00
C GLU A 83 -14.36 1.70 6.01
N GLY A 84 -15.61 2.12 6.01
CA GLY A 84 -15.94 3.16 7.00
C GLY A 84 -17.29 3.72 6.58
N LYS A 85 -17.82 4.47 7.52
CA LYS A 85 -19.11 5.14 7.36
C LYS A 85 -19.03 6.10 6.18
N GLY A 86 -19.91 6.00 5.22
CA GLY A 86 -20.01 6.83 4.04
C GLY A 86 -18.75 6.93 3.20
N VAL A 87 -17.84 5.98 3.34
CA VAL A 87 -16.58 5.98 2.60
C VAL A 87 -16.73 6.15 1.09
N VAL A 88 -17.74 5.60 0.45
CA VAL A 88 -17.90 5.71 -0.98
C VAL A 88 -17.96 7.17 -1.42
N ALA A 89 -18.89 7.91 -0.85
CA ALA A 89 -19.15 9.33 -1.19
C ALA A 89 -17.99 10.21 -0.71
N SER A 90 -17.49 9.93 0.43
CA SER A 90 -16.38 10.65 1.03
C SER A 90 -15.09 10.55 0.23
N ALA A 91 -14.77 9.35 -0.21
CA ALA A 91 -13.53 9.12 -0.99
C ALA A 91 -13.64 9.81 -2.34
N ARG A 92 -14.84 10.00 -2.81
CA ARG A 92 -15.10 10.68 -4.09
C ARG A 92 -14.74 12.15 -3.90
N LEU A 93 -15.31 12.72 -2.84
CA LEU A 93 -15.07 14.11 -2.44
C LEU A 93 -13.55 14.27 -2.26
N MET A 94 -12.95 13.32 -1.59
CA MET A 94 -11.50 13.43 -1.39
C MET A 94 -10.69 13.35 -2.67
N ILE A 95 -11.28 12.76 -3.67
CA ILE A 95 -10.55 12.59 -4.95
C ILE A 95 -10.64 13.85 -5.80
N GLY A 96 -11.84 14.39 -5.89
CA GLY A 96 -12.07 15.60 -6.68
C GLY A 96 -13.07 15.20 -7.76
N VAL A 97 -13.04 15.86 -8.89
CA VAL A 97 -13.93 15.58 -10.02
C VAL A 97 -13.08 14.91 -11.12
N THR A 98 -13.70 14.47 -12.19
CA THR A 98 -12.97 13.80 -13.28
C THR A 98 -11.73 14.55 -13.75
N ASN A 99 -11.97 15.83 -14.01
CA ASN A 99 -10.95 16.77 -14.46
C ASN A 99 -10.14 17.35 -13.29
N PRO A 100 -8.90 16.94 -13.16
CA PRO A 100 -8.03 17.42 -12.11
C PRO A 100 -7.94 18.95 -11.95
N LEU A 101 -7.99 19.67 -13.05
CA LEU A 101 -7.87 21.13 -13.11
C LEU A 101 -9.06 21.85 -12.46
N ALA A 102 -10.19 21.21 -12.48
CA ALA A 102 -11.43 21.71 -11.93
C ALA A 102 -11.61 21.23 -10.49
N SER A 103 -10.81 20.30 -10.05
CA SER A 103 -10.83 19.72 -8.74
C SER A 103 -10.16 20.69 -7.78
N ALA A 104 -10.85 20.93 -6.69
CA ALA A 104 -10.36 21.82 -5.67
C ALA A 104 -9.10 21.43 -4.94
N PRO A 105 -8.26 22.42 -4.62
CA PRO A 105 -7.02 22.21 -3.85
C PRO A 105 -7.47 21.51 -2.53
N GLY A 106 -6.67 20.54 -2.12
CA GLY A 106 -6.97 19.78 -0.92
C GLY A 106 -7.46 18.42 -1.42
N SER A 107 -8.05 18.34 -2.60
CA SER A 107 -8.51 17.05 -3.14
C SER A 107 -7.29 16.37 -3.79
N ILE A 108 -7.35 15.08 -4.10
CA ILE A 108 -6.23 14.35 -4.71
C ILE A 108 -6.03 14.90 -6.12
N ARG A 109 -7.07 14.88 -6.90
CA ARG A 109 -6.91 15.45 -8.25
C ARG A 109 -6.55 16.93 -8.21
N GLY A 110 -7.17 17.70 -7.34
CA GLY A 110 -6.92 19.15 -7.23
C GLY A 110 -5.46 19.47 -6.96
N ASP A 111 -4.87 18.65 -6.14
CA ASP A 111 -3.50 18.77 -5.73
C ASP A 111 -2.46 18.19 -6.66
N PHE A 112 -2.75 17.11 -7.34
CA PHE A 112 -1.71 16.46 -8.18
C PHE A 112 -1.94 16.24 -9.65
N GLY A 113 -3.12 16.50 -10.13
CA GLY A 113 -3.35 16.22 -11.55
C GLY A 113 -3.67 17.43 -12.40
N VAL A 114 -3.37 17.25 -13.68
CA VAL A 114 -3.58 18.31 -14.67
C VAL A 114 -4.46 17.81 -15.79
N ASP A 115 -4.36 16.54 -16.12
CA ASP A 115 -5.16 15.97 -17.21
C ASP A 115 -6.12 14.84 -16.90
N VAL A 116 -7.30 14.90 -17.48
CA VAL A 116 -8.35 13.90 -17.33
C VAL A 116 -7.87 12.46 -17.54
N GLY A 117 -7.14 12.13 -18.58
CA GLY A 117 -6.68 10.79 -18.84
C GLY A 117 -5.58 10.36 -17.90
N ARG A 118 -5.02 11.30 -17.18
CA ARG A 118 -3.96 11.10 -16.19
C ARG A 118 -4.42 11.66 -14.82
N ASN A 119 -5.59 11.20 -14.40
CA ASN A 119 -6.13 11.72 -13.14
C ASN A 119 -5.88 10.87 -11.90
N ILE A 120 -4.77 10.22 -11.80
CA ILE A 120 -4.17 9.44 -10.75
C ILE A 120 -4.82 8.29 -10.04
N ILE A 121 -6.07 8.47 -9.78
CA ILE A 121 -6.88 7.54 -9.01
C ILE A 121 -8.27 7.31 -9.54
N HIS A 122 -8.79 6.15 -9.21
CA HIS A 122 -10.12 5.66 -9.46
C HIS A 122 -10.75 5.41 -8.06
N GLY A 123 -11.97 5.87 -7.91
CA GLY A 123 -12.77 5.67 -6.71
C GLY A 123 -14.17 5.23 -7.18
N SER A 124 -14.73 4.25 -6.53
CA SER A 124 -16.08 3.74 -6.78
C SER A 124 -17.05 4.90 -6.61
N ASP A 125 -18.00 5.07 -7.49
CA ASP A 125 -18.93 6.18 -7.39
C ASP A 125 -20.21 5.87 -6.64
N SER A 126 -20.41 4.67 -6.20
CA SER A 126 -21.61 4.24 -5.51
C SER A 126 -21.40 2.90 -4.80
N VAL A 127 -22.34 2.59 -3.89
CA VAL A 127 -22.23 1.30 -3.14
C VAL A 127 -22.28 0.12 -4.15
N GLU A 128 -23.26 0.11 -5.03
CA GLU A 128 -23.39 -0.94 -6.05
C GLU A 128 -22.11 -1.17 -6.83
N SER A 129 -21.50 -0.12 -7.34
CA SER A 129 -20.27 -0.11 -8.09
C SER A 129 -19.12 -0.51 -7.17
N ALA A 130 -19.11 0.02 -5.94
CA ALA A 130 -17.97 -0.36 -5.06
C ALA A 130 -17.98 -1.86 -4.87
N ASN A 131 -19.18 -2.36 -4.68
CA ASN A 131 -19.41 -3.78 -4.42
C ASN A 131 -19.01 -4.68 -5.57
N ARG A 132 -19.23 -4.26 -6.75
CA ARG A 132 -18.96 -4.90 -8.04
C ARG A 132 -17.46 -4.85 -8.33
N GLU A 133 -16.90 -3.67 -8.06
CA GLU A 133 -15.49 -3.44 -8.27
C GLU A 133 -14.68 -4.17 -7.23
N ILE A 134 -15.08 -4.24 -5.97
CA ILE A 134 -14.28 -4.99 -4.98
C ILE A 134 -14.11 -6.46 -5.38
N ALA A 135 -15.21 -7.09 -5.73
CA ALA A 135 -15.39 -8.46 -6.18
C ALA A 135 -14.52 -8.85 -7.38
N LEU A 136 -14.52 -7.99 -8.34
CA LEU A 136 -13.80 -7.97 -9.60
C LEU A 136 -12.31 -7.97 -9.32
N TRP A 137 -11.84 -7.00 -8.56
CA TRP A 137 -10.42 -6.86 -8.27
C TRP A 137 -9.82 -7.69 -7.13
N PHE A 138 -10.65 -8.02 -6.14
CA PHE A 138 -10.21 -8.78 -4.99
C PHE A 138 -10.90 -10.12 -4.77
N LYS A 139 -10.09 -11.03 -4.26
CA LYS A 139 -10.48 -12.38 -3.87
C LYS A 139 -10.98 -12.18 -2.41
N PRO A 140 -12.05 -12.88 -2.07
CA PRO A 140 -12.64 -12.79 -0.73
C PRO A 140 -11.58 -12.91 0.35
N GLU A 141 -10.69 -13.86 0.25
CA GLU A 141 -9.62 -14.13 1.20
C GLU A 141 -8.62 -13.00 1.23
N GLU A 142 -8.72 -12.02 0.35
CA GLU A 142 -7.78 -10.90 0.31
C GLU A 142 -8.30 -9.71 1.10
N LEU A 143 -9.52 -9.79 1.57
CA LEU A 143 -10.17 -8.73 2.34
C LEU A 143 -10.28 -9.09 3.82
N LEU A 144 -10.08 -8.11 4.69
CA LEU A 144 -10.20 -8.36 6.14
C LEU A 144 -11.69 -8.61 6.38
N THR A 145 -11.94 -9.41 7.38
CA THR A 145 -13.26 -9.82 7.86
C THR A 145 -13.67 -9.06 9.12
N GLU A 146 -12.72 -8.94 10.04
CA GLU A 146 -12.86 -8.23 11.32
C GLU A 146 -12.00 -6.96 11.27
N VAL A 147 -12.72 -5.87 11.10
CA VAL A 147 -12.08 -4.56 10.99
C VAL A 147 -12.16 -3.79 12.31
N LYS A 148 -10.99 -3.29 12.68
CA LYS A 148 -10.83 -2.51 13.91
C LYS A 148 -10.33 -1.07 13.61
N PRO A 149 -11.26 -0.15 13.63
CA PRO A 149 -11.01 1.28 13.41
C PRO A 149 -10.77 2.00 14.73
N ASN A 150 -9.97 3.06 14.73
CA ASN A 150 -9.74 3.80 15.99
C ASN A 150 -11.16 3.97 16.56
N PRO A 151 -11.32 3.72 17.84
CA PRO A 151 -12.60 3.82 18.57
C PRO A 151 -13.05 5.22 18.97
N ASN A 152 -12.23 6.17 18.57
CA ASN A 152 -12.21 7.61 18.65
C ASN A 152 -12.85 8.19 17.39
N LEU A 153 -13.08 7.33 16.41
CA LEU A 153 -13.68 7.64 15.12
C LEU A 153 -15.20 7.62 15.06
N TYR A 154 -15.77 6.63 15.68
CA TYR A 154 -17.22 6.44 15.72
C TYR A 154 -17.75 6.36 17.15
N GLU A 155 -18.98 6.86 17.15
CA GLU A 155 -19.85 6.94 18.32
C GLU A 155 -20.75 5.69 18.25
N VAL B 6 23.34 -4.81 -7.12
CA VAL B 6 23.40 -4.19 -8.45
C VAL B 6 22.96 -2.72 -8.47
N ASN B 7 21.67 -2.55 -8.56
CA ASN B 7 20.89 -1.34 -8.68
C ASN B 7 19.42 -1.81 -8.84
N LYS B 8 19.31 -3.12 -8.88
CA LYS B 8 18.04 -3.84 -8.98
C LYS B 8 17.85 -4.63 -7.68
N GLU B 9 18.68 -4.29 -6.69
CA GLU B 9 18.60 -4.90 -5.34
C GLU B 9 17.17 -4.67 -4.83
N ARG B 10 16.69 -5.61 -4.04
CA ARG B 10 15.34 -5.56 -3.47
C ARG B 10 15.40 -5.86 -1.97
N THR B 11 14.37 -5.32 -1.34
CA THR B 11 14.28 -5.52 0.11
C THR B 11 12.82 -5.82 0.43
N PHE B 12 12.69 -6.51 1.53
CA PHE B 12 11.37 -6.88 2.10
C PHE B 12 11.19 -6.00 3.37
N LEU B 13 10.07 -5.29 3.32
CA LEU B 13 9.62 -4.39 4.33
C LEU B 13 8.20 -4.83 4.70
N ALA B 14 7.96 -4.80 6.01
CA ALA B 14 6.63 -5.16 6.51
C ALA B 14 6.22 -4.12 7.56
N VAL B 15 5.04 -3.59 7.31
CA VAL B 15 4.48 -2.61 8.25
C VAL B 15 3.72 -3.58 9.19
N LYS B 16 4.15 -3.64 10.41
CA LYS B 16 3.66 -4.48 11.52
C LYS B 16 2.29 -4.00 11.94
N PRO B 17 1.51 -4.84 12.63
CA PRO B 17 0.12 -4.55 13.05
C PRO B 17 -0.09 -3.23 13.76
N ASP B 18 0.88 -2.87 14.58
CA ASP B 18 0.83 -1.56 15.32
C ASP B 18 0.71 -0.36 14.36
N GLY B 19 1.70 -0.35 13.49
CA GLY B 19 1.95 0.57 12.41
C GLY B 19 0.71 0.60 11.52
N VAL B 20 0.12 -0.56 11.27
CA VAL B 20 -1.07 -0.56 10.41
C VAL B 20 -2.21 0.10 11.22
N ALA B 21 -2.25 -0.32 12.47
CA ALA B 21 -3.28 0.18 13.41
C ALA B 21 -3.25 1.68 13.62
N ARG B 22 -2.01 2.16 13.65
CA ARG B 22 -1.76 3.58 13.83
C ARG B 22 -1.92 4.38 12.57
N GLY B 23 -2.31 3.80 11.46
CA GLY B 23 -2.49 4.50 10.17
C GLY B 23 -1.18 5.14 9.68
N LEU B 24 -0.10 4.39 9.74
CA LEU B 24 1.23 4.84 9.32
C LEU B 24 1.63 4.22 7.99
N VAL B 25 0.68 3.48 7.44
CA VAL B 25 1.02 2.77 6.17
C VAL B 25 1.41 3.72 5.03
N GLY B 26 0.55 4.65 4.69
CA GLY B 26 0.76 5.62 3.61
C GLY B 26 2.05 6.39 3.90
N GLU B 27 2.20 6.79 5.16
CA GLU B 27 3.38 7.54 5.58
C GLU B 27 4.66 6.75 5.36
N ILE B 28 4.66 5.46 5.62
CA ILE B 28 5.90 4.68 5.40
C ILE B 28 6.29 4.52 3.94
N ILE B 29 5.32 4.17 3.12
CA ILE B 29 5.43 3.94 1.69
C ILE B 29 6.00 5.18 1.02
N ALA B 30 5.34 6.30 1.32
CA ALA B 30 5.69 7.64 0.82
C ALA B 30 7.15 7.94 1.13
N ARG B 31 7.70 7.62 2.25
CA ARG B 31 9.12 7.88 2.54
C ARG B 31 10.04 7.20 1.54
N TYR B 32 9.67 5.97 1.20
CA TYR B 32 10.38 5.09 0.25
C TYR B 32 10.16 5.58 -1.19
N GLU B 33 8.95 5.94 -1.52
CA GLU B 33 8.65 6.49 -2.84
C GLU B 33 9.48 7.77 -2.94
N LYS B 34 9.50 8.64 -1.95
CA LYS B 34 10.27 9.88 -1.96
C LYS B 34 11.75 9.63 -2.20
N LYS B 35 12.24 8.63 -1.53
CA LYS B 35 13.65 8.24 -1.63
C LYS B 35 14.06 7.81 -3.04
N GLY B 36 13.10 7.33 -3.80
CA GLY B 36 13.32 6.89 -5.20
C GLY B 36 13.35 5.42 -5.52
N PHE B 37 12.97 4.65 -4.51
CA PHE B 37 12.88 3.19 -4.50
C PHE B 37 11.58 2.80 -5.21
N VAL B 38 11.61 1.69 -5.87
CA VAL B 38 10.39 1.26 -6.59
C VAL B 38 9.73 0.09 -5.85
N LEU B 39 8.42 0.32 -5.78
CA LEU B 39 7.53 -0.69 -5.15
C LEU B 39 7.33 -1.78 -6.19
N VAL B 40 7.90 -2.94 -5.92
CA VAL B 40 7.76 -4.04 -6.90
C VAL B 40 6.80 -5.11 -6.41
N GLY B 41 6.34 -4.99 -5.17
CA GLY B 41 5.40 -5.89 -4.52
C GLY B 41 4.71 -5.25 -3.31
N LEU B 42 3.40 -5.45 -3.29
CA LEU B 42 2.61 -4.88 -2.21
C LEU B 42 1.30 -5.58 -1.92
N LYS B 43 1.17 -5.90 -0.64
CA LYS B 43 -0.09 -6.50 -0.14
C LYS B 43 -0.27 -6.36 1.37
N GLN B 44 -1.53 -6.46 1.72
CA GLN B 44 -2.03 -6.47 3.10
C GLN B 44 -2.54 -7.92 3.35
N LEU B 45 -2.06 -8.51 4.43
CA LEU B 45 -2.45 -9.84 4.86
C LEU B 45 -2.27 -9.96 6.39
N VAL B 46 -2.90 -10.99 6.91
CA VAL B 46 -2.82 -11.34 8.32
C VAL B 46 -1.86 -12.54 8.30
N PRO B 47 -0.63 -12.33 8.69
CA PRO B 47 0.36 -13.40 8.69
C PRO B 47 -0.14 -14.58 9.52
N THR B 48 0.22 -15.77 9.12
CA THR B 48 -0.13 -17.02 9.78
C THR B 48 1.06 -17.26 10.73
N LYS B 49 0.81 -18.15 11.65
CA LYS B 49 1.81 -18.52 12.66
C LYS B 49 3.05 -19.06 11.98
N ASP B 50 2.83 -19.87 10.97
CA ASP B 50 3.92 -20.49 10.19
C ASP B 50 4.78 -19.42 9.52
N LEU B 51 4.13 -18.54 8.78
CA LEU B 51 4.88 -17.45 8.11
C LEU B 51 5.66 -16.67 9.18
N ALA B 52 4.95 -16.19 10.18
CA ALA B 52 5.62 -15.44 11.24
C ALA B 52 6.83 -16.18 11.79
N GLU B 53 6.68 -17.46 12.07
CA GLU B 53 7.81 -18.21 12.65
C GLU B 53 8.93 -18.42 11.65
N SER B 54 8.56 -18.64 10.40
CA SER B 54 9.62 -18.85 9.37
C SER B 54 10.32 -17.49 9.21
N HIS B 55 9.55 -16.43 9.19
CA HIS B 55 10.06 -15.06 9.10
C HIS B 55 11.10 -14.73 10.17
N TYR B 56 10.74 -14.95 11.44
CA TYR B 56 11.60 -14.65 12.59
C TYR B 56 12.35 -15.82 13.18
N ALA B 57 12.56 -16.80 12.32
CA ALA B 57 13.24 -18.02 12.72
C ALA B 57 14.56 -17.77 13.39
N GLU B 58 15.26 -16.72 12.99
CA GLU B 58 16.58 -16.49 13.66
C GLU B 58 16.47 -16.19 15.15
N HIS B 59 15.30 -15.75 15.56
CA HIS B 59 14.92 -15.37 16.92
C HIS B 59 14.21 -16.43 17.73
N LYS B 60 14.05 -17.60 17.21
CA LYS B 60 13.40 -18.77 17.74
C LYS B 60 13.68 -18.93 19.23
N GLU B 61 14.90 -18.73 19.64
CA GLU B 61 15.17 -18.91 21.09
C GLU B 61 15.30 -17.65 21.90
N ARG B 62 14.88 -16.52 21.39
CA ARG B 62 14.92 -15.22 22.06
C ARG B 62 13.66 -15.18 22.94
N PRO B 63 13.81 -14.68 24.15
CA PRO B 63 12.72 -14.61 25.10
C PRO B 63 11.48 -13.93 24.58
N PHE B 64 11.59 -13.09 23.56
CA PHE B 64 10.39 -12.39 23.06
C PHE B 64 9.74 -13.10 21.87
N PHE B 65 10.31 -14.15 21.30
CA PHE B 65 9.76 -14.86 20.15
C PHE B 65 8.25 -15.12 20.09
N GLY B 66 7.82 -15.72 21.19
CA GLY B 66 6.45 -16.11 21.46
C GLY B 66 5.53 -14.91 21.27
N GLY B 67 5.90 -13.86 21.94
CA GLY B 67 5.19 -12.59 21.93
C GLY B 67 5.25 -11.92 20.56
N LEU B 68 6.42 -12.04 19.97
CA LEU B 68 6.67 -11.48 18.65
C LEU B 68 5.68 -12.15 17.69
N VAL B 69 5.78 -13.46 17.60
CA VAL B 69 4.93 -14.24 16.72
C VAL B 69 3.45 -14.00 16.99
N SER B 70 3.02 -13.89 18.22
CA SER B 70 1.60 -13.65 18.57
C SER B 70 1.08 -12.31 18.07
N PHE B 71 1.99 -11.35 18.20
CA PHE B 71 1.69 -9.97 17.81
C PHE B 71 1.61 -9.83 16.29
N ILE B 72 2.60 -10.30 15.57
CA ILE B 72 2.63 -10.19 14.10
C ILE B 72 1.40 -10.84 13.45
N THR B 73 0.83 -11.83 14.10
CA THR B 73 -0.33 -12.58 13.67
C THR B 73 -1.66 -12.05 14.19
N SER B 74 -1.55 -11.08 15.06
CA SER B 74 -2.71 -10.47 15.69
C SER B 74 -3.48 -9.48 14.84
N GLY B 75 -2.95 -9.11 13.70
CA GLY B 75 -3.70 -8.14 12.85
C GLY B 75 -2.95 -8.03 11.52
N PRO B 76 -3.55 -7.27 10.61
CA PRO B 76 -2.97 -7.06 9.30
C PRO B 76 -1.62 -6.39 9.37
N VAL B 77 -0.80 -6.88 8.49
CA VAL B 77 0.56 -6.54 8.13
C VAL B 77 0.51 -6.03 6.69
N VAL B 78 1.28 -5.01 6.37
CA VAL B 78 1.30 -4.51 4.96
C VAL B 78 2.73 -4.96 4.53
N ALA B 79 2.79 -5.92 3.61
CA ALA B 79 4.12 -6.42 3.19
C ALA B 79 4.42 -5.79 1.85
N MET B 80 5.71 -5.48 1.69
CA MET B 80 6.10 -4.84 0.41
C MET B 80 7.55 -5.07 0.03
N VAL B 81 7.77 -4.91 -1.28
CA VAL B 81 9.19 -5.05 -1.75
C VAL B 81 9.44 -3.79 -2.60
N PHE B 82 10.58 -3.24 -2.28
CA PHE B 82 11.18 -2.00 -2.80
C PHE B 82 12.51 -2.44 -3.44
N GLU B 83 12.72 -1.90 -4.63
CA GLU B 83 13.88 -2.12 -5.44
C GLU B 83 14.63 -0.83 -5.75
N GLY B 84 15.93 -0.92 -5.63
CA GLY B 84 16.74 0.27 -5.92
C GLY B 84 18.14 0.00 -5.42
N LYS B 85 18.98 0.91 -5.83
CA LYS B 85 20.42 0.76 -5.46
C LYS B 85 20.55 0.83 -3.93
N GLY B 86 21.27 -0.13 -3.38
CA GLY B 86 21.51 -0.25 -1.94
C GLY B 86 20.27 -0.17 -1.07
N VAL B 87 19.13 -0.55 -1.62
CA VAL B 87 17.88 -0.52 -0.89
C VAL B 87 17.92 -1.28 0.44
N VAL B 88 18.64 -2.35 0.62
CA VAL B 88 18.60 -3.06 1.90
C VAL B 88 19.17 -2.20 3.02
N ALA B 89 20.42 -1.85 2.90
CA ALA B 89 21.11 -1.05 3.91
C ALA B 89 20.39 0.27 4.00
N SER B 90 20.01 0.88 2.92
CA SER B 90 19.30 2.17 2.97
C SER B 90 17.93 2.06 3.63
N ALA B 91 17.12 1.04 3.41
CA ALA B 91 15.79 0.95 4.06
C ALA B 91 16.06 0.76 5.56
N ARG B 92 17.11 0.04 5.87
CA ARG B 92 17.49 -0.20 7.27
C ARG B 92 17.83 1.11 7.99
N LEU B 93 18.51 2.03 7.36
CA LEU B 93 18.87 3.35 7.87
C LEU B 93 17.62 4.23 8.09
N MET B 94 16.71 4.19 7.13
CA MET B 94 15.47 4.94 7.14
C MET B 94 14.56 4.52 8.29
N ILE B 95 14.80 3.28 8.72
CA ILE B 95 14.01 2.66 9.80
C ILE B 95 14.45 3.12 11.19
N GLY B 96 15.75 3.04 11.39
CA GLY B 96 16.37 3.47 12.68
C GLY B 96 17.05 2.21 13.23
N VAL B 97 16.95 2.02 14.53
CA VAL B 97 17.54 0.85 15.25
C VAL B 97 16.37 0.11 15.88
N THR B 98 16.62 -1.01 16.53
CA THR B 98 15.55 -1.82 17.12
C THR B 98 14.67 -1.08 18.11
N ASN B 99 15.35 -0.38 18.99
CA ASN B 99 14.67 0.43 20.02
C ASN B 99 14.28 1.76 19.40
N PRO B 100 13.01 2.03 19.26
CA PRO B 100 12.58 3.28 18.64
C PRO B 100 12.98 4.49 19.43
N LEU B 101 13.35 4.33 20.69
CA LEU B 101 13.75 5.42 21.59
C LEU B 101 15.15 5.92 21.25
N ALA B 102 16.00 4.98 20.87
CA ALA B 102 17.37 5.35 20.50
C ALA B 102 17.47 5.63 19.00
N SER B 103 16.37 5.67 18.32
CA SER B 103 16.36 5.87 16.86
C SER B 103 16.38 7.36 16.55
N ALA B 104 17.29 7.72 15.67
CA ALA B 104 17.40 9.15 15.30
C ALA B 104 16.13 9.74 14.75
N PRO B 105 15.83 10.98 15.12
CA PRO B 105 14.68 11.70 14.58
C PRO B 105 14.88 11.74 13.06
N GLY B 106 13.81 11.58 12.32
CA GLY B 106 13.81 11.53 10.87
C GLY B 106 13.72 10.07 10.39
N SER B 107 14.11 9.10 11.20
CA SER B 107 14.02 7.65 10.92
C SER B 107 12.57 7.21 11.18
N ILE B 108 12.00 6.18 10.60
CA ILE B 108 10.61 5.81 10.86
C ILE B 108 10.35 5.51 12.33
N ARG B 109 11.25 4.66 12.85
CA ARG B 109 11.11 4.29 14.27
C ARG B 109 11.38 5.52 15.15
N GLY B 110 12.40 6.29 14.84
CA GLY B 110 12.74 7.49 15.60
C GLY B 110 11.63 8.52 15.72
N ASP B 111 10.79 8.63 14.74
CA ASP B 111 9.71 9.55 14.61
C ASP B 111 8.38 9.01 15.17
N PHE B 112 8.24 7.70 15.13
CA PHE B 112 6.95 7.15 15.56
C PHE B 112 6.88 6.12 16.66
N GLY B 113 7.93 5.56 17.14
CA GLY B 113 7.73 4.52 18.18
C GLY B 113 8.46 4.94 19.45
N VAL B 114 8.10 4.19 20.45
CA VAL B 114 8.57 4.29 21.81
C VAL B 114 9.03 2.95 22.33
N ASP B 115 8.20 1.94 22.05
CA ASP B 115 8.50 0.57 22.49
C ASP B 115 9.06 -0.39 21.45
N VAL B 116 10.03 -1.15 21.94
CA VAL B 116 10.69 -2.16 21.09
C VAL B 116 9.73 -3.17 20.46
N GLY B 117 8.80 -3.67 21.23
CA GLY B 117 7.79 -4.64 20.90
C GLY B 117 6.83 -4.02 19.90
N ARG B 118 6.77 -2.70 19.93
CA ARG B 118 5.88 -1.95 19.02
C ARG B 118 6.67 -1.03 18.09
N ASN B 119 7.74 -1.51 17.49
CA ASN B 119 8.57 -0.70 16.59
C ASN B 119 8.18 -0.62 15.11
N ILE B 120 6.93 -0.64 14.79
CA ILE B 120 6.20 -0.46 13.57
C ILE B 120 6.50 -1.10 12.22
N ILE B 121 7.77 -1.35 11.95
CA ILE B 121 8.18 -1.90 10.66
C ILE B 121 9.30 -2.92 10.77
N HIS B 122 9.30 -3.78 9.78
CA HIS B 122 10.34 -4.80 9.70
C HIS B 122 11.05 -4.41 8.42
N GLY B 123 12.34 -4.57 8.33
CA GLY B 123 13.09 -4.35 7.09
C GLY B 123 14.14 -5.47 7.02
N SER B 124 14.33 -6.10 5.90
CA SER B 124 15.37 -7.18 5.79
C SER B 124 16.71 -6.50 6.10
N ASP B 125 17.61 -7.24 6.69
CA ASP B 125 18.92 -6.75 7.10
C ASP B 125 20.09 -7.12 6.22
N SER B 126 19.86 -7.75 5.10
CA SER B 126 20.88 -8.18 4.15
C SER B 126 20.15 -8.69 2.92
N VAL B 127 21.01 -8.78 1.90
CA VAL B 127 20.54 -9.23 0.56
C VAL B 127 20.00 -10.64 0.69
N GLU B 128 20.72 -11.45 1.43
CA GLU B 128 20.38 -12.85 1.70
C GLU B 128 18.98 -13.03 2.28
N SER B 129 18.81 -12.35 3.38
CA SER B 129 17.56 -12.34 4.17
C SER B 129 16.46 -11.63 3.39
N ALA B 130 16.81 -10.65 2.56
CA ALA B 130 15.78 -9.96 1.76
C ALA B 130 15.18 -11.00 0.78
N ASN B 131 16.13 -11.68 0.15
CA ASN B 131 15.84 -12.73 -0.85
C ASN B 131 14.93 -13.83 -0.29
N ARG B 132 15.32 -14.26 0.90
CA ARG B 132 14.59 -15.26 1.67
C ARG B 132 13.22 -14.72 2.08
N GLU B 133 13.14 -13.56 2.70
CA GLU B 133 11.84 -12.99 3.11
C GLU B 133 10.93 -12.69 1.95
N ILE B 134 11.50 -12.23 0.84
CA ILE B 134 10.72 -11.94 -0.36
C ILE B 134 9.95 -13.20 -0.83
N ALA B 135 10.71 -14.26 -0.98
CA ALA B 135 10.25 -15.58 -1.41
C ALA B 135 9.23 -16.15 -0.45
N LEU B 136 9.44 -15.88 0.81
CA LEU B 136 8.54 -16.33 1.89
C LEU B 136 7.20 -15.60 1.79
N TRP B 137 7.28 -14.29 1.62
CA TRP B 137 6.01 -13.53 1.57
C TRP B 137 5.32 -13.31 0.24
N PHE B 138 6.01 -13.39 -0.87
CA PHE B 138 5.38 -13.12 -2.16
C PHE B 138 5.62 -14.23 -3.16
N LYS B 139 4.65 -14.44 -3.95
CA LYS B 139 4.77 -15.46 -5.03
C LYS B 139 5.37 -14.56 -6.10
N PRO B 140 6.16 -15.10 -6.98
CA PRO B 140 6.82 -14.31 -8.03
C PRO B 140 5.84 -13.62 -8.95
N GLU B 141 4.58 -13.94 -8.88
CA GLU B 141 3.56 -13.33 -9.74
C GLU B 141 3.00 -12.06 -9.12
N GLU B 142 3.43 -11.90 -7.89
CA GLU B 142 3.07 -10.77 -7.06
C GLU B 142 4.08 -9.65 -7.22
N LEU B 143 5.25 -9.99 -7.67
CA LEU B 143 6.38 -9.13 -7.93
C LEU B 143 6.49 -8.67 -9.39
N LEU B 144 6.80 -7.38 -9.51
CA LEU B 144 6.96 -6.79 -10.83
C LEU B 144 8.29 -7.33 -11.38
N THR B 145 8.34 -7.30 -12.70
CA THR B 145 9.53 -7.74 -13.46
C THR B 145 10.04 -6.47 -14.15
N GLU B 146 9.05 -5.65 -14.47
CA GLU B 146 9.14 -4.36 -15.12
C GLU B 146 9.49 -3.19 -14.22
N VAL B 147 10.78 -3.01 -13.98
CA VAL B 147 11.09 -1.85 -13.10
C VAL B 147 11.57 -0.64 -13.89
N LYS B 148 10.90 0.43 -13.46
CA LYS B 148 11.04 1.80 -13.89
C LYS B 148 10.87 2.90 -12.83
N PRO B 149 11.95 3.29 -12.16
CA PRO B 149 11.98 4.39 -11.18
C PRO B 149 12.14 5.63 -12.05
N ASN B 150 12.40 6.80 -11.55
CA ASN B 150 12.59 7.99 -12.41
C ASN B 150 13.98 7.94 -13.02
N PRO B 151 14.21 8.34 -14.25
CA PRO B 151 15.53 8.37 -14.91
C PRO B 151 16.43 9.45 -14.29
N ASN B 152 15.72 10.23 -13.47
CA ASN B 152 16.18 11.36 -12.69
C ASN B 152 16.80 10.84 -11.40
N LEU B 153 16.75 9.54 -11.22
CA LEU B 153 17.31 8.98 -10.00
C LEU B 153 18.66 8.32 -10.11
N TYR B 154 18.74 7.68 -11.25
CA TYR B 154 19.93 6.93 -11.57
C TYR B 154 20.70 7.51 -12.73
N GLU B 155 21.99 7.55 -12.55
CA GLU B 155 22.91 8.02 -13.57
C GLU B 155 23.01 6.96 -14.68
PB ADP C . -14.47 9.54 -12.67
O1B ADP C . -15.68 8.89 -12.10
O2B ADP C . -14.28 10.90 -12.11
O3B ADP C . -13.24 8.78 -12.56
PA ADP C . -15.72 8.84 -15.28
O1A ADP C . -16.95 8.29 -14.67
O2A ADP C . -15.99 9.68 -16.44
O3A ADP C . -14.82 9.69 -14.22
O5' ADP C . -14.66 7.67 -15.44
C5' ADP C . -13.74 7.58 -16.48
C4' ADP C . -12.29 7.84 -16.28
O4' ADP C . -11.84 7.73 -17.67
C3' ADP C . -11.78 9.21 -15.84
O3' ADP C . -11.45 9.26 -14.47
C2' ADP C . -10.54 9.42 -16.71
O2' ADP C . -9.36 8.68 -16.40
C1' ADP C . -11.12 8.89 -18.02
N9 ADP C . -12.02 9.78 -18.74
C8 ADP C . -13.32 10.12 -18.61
N7 ADP C . -13.74 11.00 -19.50
C5 ADP C . -12.62 11.22 -20.24
C6 ADP C . -12.42 12.07 -21.35
N6 ADP C . -13.46 12.80 -21.81
N1 ADP C . -11.17 12.07 -21.89
C2 ADP C . -10.20 11.28 -21.35
N3 ADP C . -10.28 10.47 -20.33
C4 ADP C . -11.55 10.50 -19.82
MG MG D . 16.73 -8.04 13.06
PB ADP E . 14.99 -5.27 14.09
O1B ADP E . 15.92 -5.89 13.20
O2B ADP E . 15.47 -3.91 14.52
O3B ADP E . 13.56 -5.26 13.73
PA ADP E . 15.50 -7.53 16.03
O1A ADP E . 16.11 -8.36 14.97
O2A ADP E . 16.56 -7.43 17.02
O3A ADP E . 15.00 -6.13 15.46
O5' ADP E . 14.12 -8.11 16.57
C5' ADP E . 13.00 -8.43 15.73
C4' ADP E . 11.80 -7.75 16.28
O4' ADP E . 11.70 -8.34 17.61
C3' ADP E . 11.88 -6.25 16.57
O3' ADP E . 11.61 -5.40 15.47
C2' ADP E . 10.74 -6.13 17.60
O2' ADP E . 9.50 -6.16 16.92
C1' ADP E . 11.02 -7.37 18.42
N9 ADP E . 11.98 -7.25 19.54
C8 ADP E . 13.32 -7.20 19.52
N7 ADP E . 13.84 -7.11 20.73
C5 ADP E . 12.76 -7.13 21.56
C6 ADP E . 12.64 -7.08 22.97
N6 ADP E . 13.71 -6.99 23.75
N1 ADP E . 11.41 -7.11 23.50
C2 ADP E . 10.34 -7.20 22.62
N3 ADP E . 10.31 -7.27 21.32
C4 ADP E . 11.58 -7.22 20.86
#